data_9LWA
#
_entry.id   9LWA
#
_cell.length_a   1.00
_cell.length_b   1.00
_cell.length_c   1.00
_cell.angle_alpha   90.00
_cell.angle_beta   90.00
_cell.angle_gamma   90.00
#
_symmetry.space_group_name_H-M   'P 1'
#
loop_
_entity.id
_entity.type
_entity.pdbx_description
1 polymer 'Head-to-tail stopper'
2 polymer 'Terminator protein gp11'
3 polymer 'Major tail protein'
#
loop_
_entity_poly.entity_id
_entity_poly.type
_entity_poly.pdbx_seq_one_letter_code
_entity_poly.pdbx_strand_id
1 'polypeptide(L)'
;MSEEFGGQVVALVSVAETGVPGWGGLKAKARTTTRQPGVHFRPASSTETPDGQTNVATEVWKLTAPPTAAVLAAKPGGEL
VYDGTEHPESLDLDSAAGRAATFRVDGPIMPKYDLAGQVHHVTIMCKRQAG
;
A
2 'polypeptide(L)'
;MTMADLHDQDAPDEEDFVVCWMQPVMRTAVERDIDAELPFCEVTRIDGADDPEAGTDDPVIQLDFYALGAEAAKAAAKQG
HRRMLFLFRNFPTVTLSDGTLADLDFGETLIKPSRMAFEHDQIVRYTARYQLGTSYVAVP
;
B
3 'polypeptide(L)'
;MTQPLTGTTPAAGGYTTVDNRLQGGHRTGLIAVAFRDALGTSTNISPHNANGSVRWSPLAQDGQLRDDLFAHRLENGVWV
ENTNPNEGWYLAGAFGEGNGPSSRPSIDTDDQMIEQSNWPFESDITKQDEPFTFQALQNLYPAIQRLANNLPLSDANGNP
LVELPGEADGFSQPVDAEKIGRQFLLYGIRKKEGRYLYEVDAYDLAYLNNKGERKFGKRGTAAELTFKPEPSGYFMAMVD
GEYKPIIKHTFIGGPAWDALAGDGS
;
C
#
# COMPACT_ATOMS: atom_id res chain seq x y z
N GLU A 3 -49.84 8.64 34.46
CA GLU A 3 -50.70 9.81 34.35
C GLU A 3 -50.56 10.46 32.97
N GLU A 4 -51.03 11.70 32.87
CA GLU A 4 -50.93 12.47 31.63
C GLU A 4 -50.28 13.81 31.92
N PHE A 5 -49.38 14.23 31.02
CA PHE A 5 -48.64 15.46 31.19
C PHE A 5 -48.89 16.47 30.07
N GLY A 6 -49.68 16.12 29.07
CA GLY A 6 -49.95 17.04 27.98
C GLY A 6 -50.87 16.39 26.96
N GLY A 7 -51.14 17.15 25.90
CA GLY A 7 -52.03 16.68 24.87
C GLY A 7 -51.36 16.44 23.53
N GLN A 8 -50.10 15.99 23.55
CA GLN A 8 -49.34 15.72 22.35
C GLN A 8 -48.89 14.27 22.34
N VAL A 9 -48.72 13.73 21.13
CA VAL A 9 -48.34 12.34 20.92
C VAL A 9 -47.08 12.30 20.08
N VAL A 10 -46.07 11.57 20.54
CA VAL A 10 -44.81 11.43 19.81
C VAL A 10 -44.53 9.95 19.60
N ALA A 11 -43.68 9.67 18.61
CA ALA A 11 -43.34 8.31 18.22
C ALA A 11 -41.82 8.12 18.37
N LEU A 12 -41.40 7.51 19.47
CA LEU A 12 -39.98 7.24 19.68
C LEU A 12 -39.50 6.19 18.70
N VAL A 13 -38.31 6.41 18.14
CA VAL A 13 -37.73 5.52 17.14
C VAL A 13 -36.41 4.99 17.69
N SER A 14 -36.26 3.68 17.72
CA SER A 14 -35.04 3.04 18.17
C SER A 14 -34.12 2.78 16.98
N VAL A 15 -32.82 2.69 17.26
CA VAL A 15 -31.81 2.44 16.24
C VAL A 15 -31.04 1.20 16.66
N ALA A 16 -30.92 0.24 15.74
CA ALA A 16 -30.14 -0.98 15.97
C ALA A 16 -29.55 -1.41 14.64
N GLU A 17 -28.25 -1.15 14.46
CA GLU A 17 -27.59 -1.51 13.21
C GLU A 17 -27.46 -3.02 13.10
N THR A 18 -27.62 -3.53 11.87
CA THR A 18 -27.54 -4.95 11.59
C THR A 18 -26.96 -5.16 10.19
N GLY A 19 -26.49 -6.38 9.93
CA GLY A 19 -26.09 -6.79 8.60
C GLY A 19 -24.59 -6.85 8.41
N VAL A 20 -24.22 -7.37 7.25
CA VAL A 20 -22.80 -7.46 6.86
C VAL A 20 -22.27 -6.05 6.61
N PRO A 21 -21.02 -5.76 6.98
CA PRO A 21 -20.47 -4.42 6.71
C PRO A 21 -20.51 -4.10 5.22
N GLY A 22 -20.85 -2.85 4.92
CA GLY A 22 -20.92 -2.36 3.56
C GLY A 22 -19.69 -1.58 3.16
N TRP A 23 -19.90 -0.59 2.31
CA TRP A 23 -18.81 0.31 1.94
C TRP A 23 -18.28 1.03 3.16
N GLY A 24 -16.96 1.13 3.27
CA GLY A 24 -16.35 1.87 4.35
C GLY A 24 -16.57 1.31 5.74
N GLY A 25 -17.06 0.07 5.84
CA GLY A 25 -17.27 -0.55 7.13
C GLY A 25 -18.55 -0.16 7.84
N LEU A 26 -19.42 0.64 7.20
CA LEU A 26 -20.68 1.02 7.81
C LEU A 26 -21.72 -0.07 7.57
N LYS A 27 -22.56 -0.32 8.57
CA LYS A 27 -23.63 -1.29 8.47
C LYS A 27 -24.97 -0.58 8.35
N ALA A 28 -25.92 -1.27 7.73
CA ALA A 28 -27.25 -0.70 7.54
C ALA A 28 -27.96 -0.53 8.89
N LYS A 29 -28.91 0.40 8.92
CA LYS A 29 -29.61 0.74 10.14
C LYS A 29 -31.04 0.20 10.09
N ALA A 30 -31.41 -0.55 11.12
CA ALA A 30 -32.77 -1.06 11.28
C ALA A 30 -33.46 -0.29 12.40
N ARG A 31 -34.65 0.22 12.12
CA ARG A 31 -35.34 1.12 13.04
C ARG A 31 -36.66 0.52 13.48
N THR A 32 -37.04 0.80 14.72
CA THR A 32 -38.28 0.33 15.31
C THR A 32 -38.97 1.51 15.99
N THR A 33 -40.26 1.68 15.71
CA THR A 33 -41.02 2.83 16.21
C THR A 33 -42.01 2.39 17.29
N THR A 34 -42.17 3.24 18.30
CA THR A 34 -43.08 3.00 19.40
C THR A 34 -43.86 4.27 19.68
N ARG A 35 -45.19 4.14 19.85
CA ARG A 35 -46.06 5.28 20.06
C ARG A 35 -46.16 5.58 21.56
N GLN A 36 -45.93 6.83 21.92
CA GLN A 36 -46.07 7.28 23.32
C GLN A 36 -46.96 8.50 23.37
N PRO A 37 -48.22 8.39 23.77
CA PRO A 37 -49.11 9.55 23.78
C PRO A 37 -49.10 10.31 25.09
N GLY A 38 -49.79 11.43 25.14
CA GLY A 38 -49.94 12.21 26.36
C GLY A 38 -48.66 12.80 26.89
N VAL A 39 -47.92 13.51 26.04
CA VAL A 39 -46.66 14.14 26.43
C VAL A 39 -46.69 15.61 26.05
N HIS A 40 -45.73 16.36 26.58
CA HIS A 40 -45.60 17.78 26.33
C HIS A 40 -44.31 18.03 25.57
N PHE A 41 -44.40 18.76 24.47
CA PHE A 41 -43.26 19.00 23.58
C PHE A 41 -43.22 20.49 23.23
N ARG A 42 -42.15 21.17 23.63
CA ARG A 42 -42.05 22.62 23.50
C ARG A 42 -40.63 22.99 23.10
N PRO A 43 -40.47 24.02 22.28
CA PRO A 43 -39.12 24.47 21.92
C PRO A 43 -38.39 25.07 23.11
N ALA A 44 -37.09 24.82 23.18
CA ALA A 44 -36.27 25.30 24.28
C ALA A 44 -35.39 26.48 23.87
N SER A 45 -34.62 26.32 22.79
CA SER A 45 -33.76 27.39 22.30
C SER A 45 -33.49 27.15 20.82
N SER A 46 -33.07 28.22 20.14
CA SER A 46 -32.77 28.14 18.72
C SER A 46 -31.80 29.24 18.35
N THR A 47 -30.85 28.90 17.48
CA THR A 47 -29.82 29.84 17.04
C THR A 47 -29.65 29.71 15.53
N GLU A 48 -28.69 30.46 14.99
CA GLU A 48 -28.40 30.41 13.56
C GLU A 48 -26.96 30.83 13.34
N THR A 49 -26.36 30.28 12.29
CA THR A 49 -25.00 30.59 11.87
C THR A 49 -25.03 31.67 10.80
N PRO A 50 -24.13 32.65 10.85
CA PRO A 50 -24.16 33.75 9.85
C PRO A 50 -24.15 33.25 8.42
N ASP A 51 -24.97 33.87 7.58
CA ASP A 51 -25.15 33.42 6.19
C ASP A 51 -24.09 34.10 5.32
N GLY A 52 -22.84 33.70 5.55
CA GLY A 52 -21.74 34.16 4.72
C GLY A 52 -21.68 33.42 3.42
N GLN A 53 -21.44 32.11 3.50
CA GLN A 53 -21.48 31.24 2.34
C GLN A 53 -22.42 30.06 2.52
N THR A 54 -22.53 29.54 3.74
CA THR A 54 -23.46 28.47 4.05
C THR A 54 -24.23 28.84 5.30
N ASN A 55 -25.54 28.64 5.27
CA ASN A 55 -26.42 29.04 6.36
C ASN A 55 -26.96 27.79 7.04
N VAL A 56 -26.77 27.71 8.36
CA VAL A 56 -27.21 26.57 9.16
C VAL A 56 -28.01 27.08 10.34
N ALA A 57 -29.16 26.46 10.60
CA ALA A 57 -30.03 26.84 11.70
C ALA A 57 -30.33 25.61 12.56
N THR A 58 -30.43 25.81 13.87
CA THR A 58 -30.60 24.72 14.80
C THR A 58 -31.71 25.06 15.78
N GLU A 59 -32.46 24.03 16.21
CA GLU A 59 -33.52 24.17 17.18
C GLU A 59 -33.33 23.15 18.30
N VAL A 60 -33.77 23.51 19.50
CA VAL A 60 -33.70 22.63 20.66
C VAL A 60 -35.10 22.55 21.27
N TRP A 61 -35.55 21.34 21.55
CA TRP A 61 -36.87 21.12 22.12
C TRP A 61 -36.78 20.27 23.38
N LYS A 62 -37.78 20.38 24.24
CA LYS A 62 -37.88 19.60 25.47
C LYS A 62 -39.12 18.73 25.44
N LEU A 63 -38.97 17.50 25.92
CA LEU A 63 -40.07 16.54 25.98
C LEU A 63 -40.20 16.01 27.41
N THR A 64 -41.43 16.01 27.92
CA THR A 64 -41.74 15.46 29.22
C THR A 64 -42.75 14.33 29.05
N ALA A 65 -42.42 13.15 29.55
CA ALA A 65 -43.22 11.96 29.27
C ALA A 65 -43.42 11.20 30.57
N PRO A 66 -44.49 10.43 30.68
CA PRO A 66 -44.66 9.55 31.84
C PRO A 66 -43.61 8.45 31.84
N PRO A 67 -43.22 7.96 33.01
CA PRO A 67 -42.17 6.94 33.08
C PRO A 67 -42.65 5.58 32.61
N THR A 68 -42.96 5.46 31.32
CA THR A 68 -43.36 4.18 30.76
C THR A 68 -42.13 3.33 30.45
N ALA A 69 -42.39 2.07 30.07
CA ALA A 69 -41.31 1.15 29.76
C ALA A 69 -40.53 1.60 28.53
N ALA A 70 -41.24 2.03 27.49
CA ALA A 70 -40.58 2.40 26.23
C ALA A 70 -39.70 3.62 26.42
N VAL A 71 -40.19 4.63 27.16
CA VAL A 71 -39.43 5.87 27.32
C VAL A 71 -38.14 5.62 28.08
N LEU A 72 -38.23 4.83 29.16
CA LEU A 72 -37.06 4.59 29.99
C LEU A 72 -35.97 3.81 29.27
N ALA A 73 -36.30 3.15 28.17
CA ALA A 73 -35.34 2.34 27.43
C ALA A 73 -34.67 3.10 26.29
N ALA A 74 -35.00 4.38 26.10
CA ALA A 74 -34.39 5.15 25.04
C ALA A 74 -32.91 5.37 25.31
N LYS A 75 -32.13 5.44 24.24
CA LYS A 75 -30.68 5.62 24.32
C LYS A 75 -30.26 6.78 23.44
N PRO A 76 -29.12 7.41 23.75
CA PRO A 76 -28.62 8.49 22.89
C PRO A 76 -28.36 7.98 21.48
N GLY A 77 -28.58 8.86 20.51
CA GLY A 77 -28.49 8.49 19.11
C GLY A 77 -29.79 8.04 18.48
N GLY A 78 -30.87 7.95 19.25
CA GLY A 78 -32.16 7.61 18.69
C GLY A 78 -32.89 8.81 18.14
N GLU A 79 -34.08 8.56 17.60
CA GLU A 79 -34.91 9.61 17.03
C GLU A 79 -36.33 9.51 17.57
N LEU A 80 -37.06 10.61 17.44
CA LEU A 80 -38.49 10.65 17.66
C LEU A 80 -39.12 11.54 16.59
N VAL A 81 -40.34 11.21 16.22
CA VAL A 81 -41.03 11.84 15.09
C VAL A 81 -42.27 12.54 15.60
N TYR A 82 -42.45 13.80 15.23
CA TYR A 82 -43.59 14.60 15.65
C TYR A 82 -44.00 15.53 14.53
N ASP A 83 -45.31 15.52 14.20
CA ASP A 83 -45.84 16.43 13.19
C ASP A 83 -47.21 16.98 13.59
N GLY A 84 -47.55 16.96 14.87
CA GLY A 84 -48.84 17.47 15.31
C GLY A 84 -50.02 16.64 14.85
N THR A 85 -49.88 15.32 14.79
CA THR A 85 -50.94 14.42 14.41
C THR A 85 -51.14 13.36 15.49
N GLU A 86 -52.29 12.69 15.42
CA GLU A 86 -52.63 11.67 16.41
C GLU A 86 -51.86 10.37 16.19
N HIS A 87 -51.48 10.06 14.97
CA HIS A 87 -50.77 8.82 14.65
C HIS A 87 -49.54 9.14 13.79
N PRO A 88 -48.51 9.72 14.39
CA PRO A 88 -47.29 10.01 13.63
C PRO A 88 -46.43 8.78 13.37
N GLU A 89 -46.67 7.67 14.07
CA GLU A 89 -45.84 6.49 13.90
C GLU A 89 -46.01 5.87 12.52
N SER A 90 -47.20 5.97 11.94
CA SER A 90 -47.47 5.40 10.62
C SER A 90 -47.01 6.38 9.55
N LEU A 91 -45.71 6.65 9.57
CA LEU A 91 -45.10 7.61 8.65
C LEU A 91 -43.85 7.00 8.06
N ASP A 92 -43.49 7.44 6.84
CA ASP A 92 -42.30 6.94 6.17
C ASP A 92 -41.11 7.82 6.52
N LEU A 93 -40.11 7.22 7.18
CA LEU A 93 -38.89 7.96 7.47
C LEU A 93 -38.15 8.32 6.18
N ASP A 94 -38.22 7.45 5.18
CA ASP A 94 -37.57 7.73 3.90
C ASP A 94 -38.22 8.91 3.20
N SER A 95 -39.50 9.16 3.48
CA SER A 95 -40.21 10.26 2.83
C SER A 95 -39.62 11.60 3.24
N ALA A 96 -39.78 12.59 2.37
CA ALA A 96 -39.28 13.93 2.65
C ALA A 96 -39.95 14.51 3.89
N ALA A 97 -41.25 14.28 4.04
CA ALA A 97 -41.97 14.71 5.23
C ALA A 97 -41.41 14.03 6.48
N GLY A 98 -41.09 12.74 6.36
CA GLY A 98 -40.49 12.04 7.48
C GLY A 98 -39.17 12.65 7.92
N ARG A 99 -38.32 12.99 6.94
CA ARG A 99 -37.06 13.64 7.26
C ARG A 99 -37.29 15.01 7.87
N ALA A 100 -38.29 15.75 7.37
CA ALA A 100 -38.58 17.07 7.91
C ALA A 100 -39.20 17.01 9.30
N ALA A 101 -39.74 15.86 9.69
CA ALA A 101 -40.43 15.72 10.96
C ALA A 101 -39.74 14.77 11.93
N THR A 102 -38.47 14.45 11.70
CA THR A 102 -37.72 13.55 12.58
C THR A 102 -36.72 14.37 13.39
N PHE A 103 -36.68 14.15 14.70
CA PHE A 103 -35.74 14.82 15.57
C PHE A 103 -34.61 13.88 15.97
N ARG A 104 -33.55 14.45 16.53
CA ARG A 104 -32.40 13.69 17.00
C ARG A 104 -32.28 13.85 18.51
N VAL A 105 -32.11 12.73 19.21
CA VAL A 105 -31.96 12.79 20.66
C VAL A 105 -30.60 13.38 21.01
N ASP A 106 -30.61 14.36 21.91
CA ASP A 106 -29.40 15.05 22.33
C ASP A 106 -29.21 14.81 23.82
N GLY A 107 -28.12 14.12 24.17
CA GLY A 107 -27.80 13.88 25.56
C GLY A 107 -28.47 12.63 26.09
N PRO A 108 -28.11 12.23 27.31
CA PRO A 108 -28.68 11.03 27.90
C PRO A 108 -30.07 11.29 28.48
N ILE A 109 -30.76 10.18 28.76
CA ILE A 109 -32.08 10.27 29.38
C ILE A 109 -31.96 10.86 30.78
N MET A 110 -32.88 11.76 31.11
CA MET A 110 -32.88 12.43 32.42
C MET A 110 -34.16 12.07 33.18
N PRO A 111 -34.11 11.12 34.10
CA PRO A 111 -35.28 10.81 34.92
C PRO A 111 -35.33 11.64 36.17
N LYS A 112 -36.54 11.79 36.71
CA LYS A 112 -36.78 12.51 37.95
C LYS A 112 -37.36 11.56 38.98
N TYR A 113 -36.83 11.61 40.20
CA TYR A 113 -37.22 10.71 41.27
C TYR A 113 -37.95 11.46 42.36
N ASP A 114 -38.79 10.75 43.10
CA ASP A 114 -39.55 11.28 44.22
C ASP A 114 -38.89 10.86 45.53
N LEU A 115 -39.55 11.18 46.65
CA LEU A 115 -39.06 10.75 47.95
C LEU A 115 -39.24 9.26 48.16
N ALA A 116 -40.16 8.63 47.44
CA ALA A 116 -40.37 7.20 47.54
C ALA A 116 -39.37 6.38 46.74
N GLY A 117 -38.44 7.04 46.04
CA GLY A 117 -37.48 6.33 45.23
C GLY A 117 -38.03 5.78 43.95
N GLN A 118 -39.10 6.38 43.42
CA GLN A 118 -39.71 5.94 42.17
C GLN A 118 -39.60 7.06 41.14
N VAL A 119 -39.47 6.65 39.87
CA VAL A 119 -39.41 7.61 38.79
C VAL A 119 -40.76 8.28 38.62
N HIS A 120 -40.76 9.61 38.49
CA HIS A 120 -42.00 10.35 38.32
C HIS A 120 -42.21 10.87 36.90
N HIS A 121 -41.17 11.42 36.26
CA HIS A 121 -41.29 11.82 34.86
C HIS A 121 -39.89 11.89 34.28
N VAL A 122 -39.83 11.90 32.94
CA VAL A 122 -38.58 11.85 32.20
C VAL A 122 -38.51 13.08 31.31
N THR A 123 -37.37 13.78 31.34
CA THR A 123 -37.10 14.92 30.48
C THR A 123 -36.07 14.53 29.44
N ILE A 124 -36.33 14.90 28.19
CA ILE A 124 -35.48 14.53 27.06
C ILE A 124 -35.20 15.76 26.22
N MET A 125 -33.95 15.91 25.78
CA MET A 125 -33.53 16.99 24.90
C MET A 125 -33.56 16.51 23.45
N CYS A 126 -34.02 17.38 22.56
CA CYS A 126 -34.08 17.07 21.14
C CYS A 126 -33.54 18.24 20.33
N LYS A 127 -33.03 17.93 19.14
CA LYS A 127 -32.51 18.93 18.24
C LYS A 127 -32.86 18.58 16.80
N ARG A 128 -32.92 19.61 15.96
CA ARG A 128 -33.20 19.45 14.55
C ARG A 128 -32.62 20.64 13.80
N GLN A 129 -32.00 20.37 12.65
CA GLN A 129 -31.33 21.41 11.88
C GLN A 129 -31.82 21.39 10.44
N ALA A 130 -31.46 22.44 9.70
CA ALA A 130 -31.84 22.56 8.31
C ALA A 130 -30.62 22.88 7.44
N ASP B 5 -18.53 14.53 -19.87
CA ASP B 5 -18.30 13.11 -19.56
C ASP B 5 -17.03 12.94 -18.74
N LEU B 6 -17.08 12.02 -17.79
CA LEU B 6 -16.00 11.85 -16.82
C LEU B 6 -14.81 11.13 -17.45
N HIS B 7 -13.70 11.13 -16.72
CA HIS B 7 -12.50 10.42 -17.13
C HIS B 7 -12.69 8.92 -16.92
N ASP B 8 -11.83 8.13 -17.56
CA ASP B 8 -11.99 6.69 -17.58
C ASP B 8 -11.05 5.94 -16.63
N GLN B 9 -10.20 6.65 -15.89
CA GLN B 9 -9.30 6.00 -14.94
C GLN B 9 -9.31 6.75 -13.62
N ASP B 10 -9.13 5.99 -12.53
CA ASP B 10 -9.09 6.55 -11.19
C ASP B 10 -8.44 5.53 -10.27
N ALA B 11 -7.78 6.02 -9.22
CA ALA B 11 -7.15 5.14 -8.26
C ALA B 11 -8.22 4.45 -7.39
N PRO B 12 -7.92 3.28 -6.84
CA PRO B 12 -8.87 2.65 -5.93
C PRO B 12 -9.07 3.49 -4.67
N ASP B 13 -10.26 3.37 -4.09
CA ASP B 13 -10.61 4.11 -2.89
C ASP B 13 -9.71 3.70 -1.74
N GLU B 14 -8.98 4.67 -1.19
CA GLU B 14 -7.98 4.36 -0.16
C GLU B 14 -8.64 3.92 1.15
N GLU B 15 -9.68 4.64 1.58
CA GLU B 15 -10.34 4.27 2.84
C GLU B 15 -10.96 2.89 2.74
N ASP B 16 -11.64 2.60 1.64
CA ASP B 16 -12.24 1.27 1.47
C ASP B 16 -11.16 0.20 1.43
N PHE B 17 -10.03 0.50 0.77
CA PHE B 17 -8.90 -0.42 0.75
C PHE B 17 -8.44 -0.76 2.17
N VAL B 18 -8.18 0.27 2.97
CA VAL B 18 -7.64 0.04 4.30
C VAL B 18 -8.66 -0.66 5.19
N VAL B 19 -9.94 -0.29 5.07
CA VAL B 19 -10.96 -0.94 5.89
C VAL B 19 -11.08 -2.42 5.54
N CYS B 20 -11.15 -2.73 4.24
CA CYS B 20 -11.27 -4.13 3.85
C CYS B 20 -10.00 -4.91 4.18
N TRP B 21 -8.85 -4.27 4.31
CA TRP B 21 -7.64 -4.98 4.70
C TRP B 21 -7.54 -5.21 6.21
N MET B 22 -7.90 -4.22 7.03
CA MET B 22 -7.79 -4.35 8.48
C MET B 22 -8.96 -5.11 9.09
N GLN B 23 -10.09 -5.17 8.39
CA GLN B 23 -11.28 -5.81 8.96
C GLN B 23 -11.06 -7.25 9.43
N PRO B 24 -10.34 -8.11 8.71
CA PRO B 24 -10.19 -9.50 9.20
C PRO B 24 -9.54 -9.61 10.57
N VAL B 25 -8.72 -8.65 10.98
CA VAL B 25 -8.02 -8.76 12.26
C VAL B 25 -8.72 -7.97 13.38
N MET B 26 -9.52 -6.97 13.04
CA MET B 26 -10.13 -6.14 14.07
C MET B 26 -11.21 -5.27 13.45
N ARG B 27 -12.22 -4.94 14.24
CA ARG B 27 -13.32 -4.11 13.78
C ARG B 27 -12.81 -2.75 13.33
N THR B 28 -13.26 -2.30 12.16
CA THR B 28 -12.79 -1.04 11.58
C THR B 28 -13.89 -0.44 10.72
N ALA B 29 -14.00 0.88 10.78
CA ALA B 29 -14.95 1.62 9.95
C ALA B 29 -14.48 3.05 9.85
N VAL B 30 -15.02 3.78 8.87
CA VAL B 30 -14.65 5.17 8.70
C VAL B 30 -15.18 6.02 9.85
N GLU B 31 -16.26 5.58 10.48
CA GLU B 31 -16.86 6.33 11.58
C GLU B 31 -17.34 5.37 12.64
N ARG B 32 -17.20 5.78 13.89
CA ARG B 32 -17.60 4.98 15.04
C ARG B 32 -18.93 5.50 15.60
N ASP B 33 -19.90 4.60 15.74
CA ASP B 33 -21.17 4.98 16.35
C ASP B 33 -20.98 5.27 17.83
N ILE B 34 -22.06 5.69 18.49
CA ILE B 34 -21.97 6.12 19.88
C ILE B 34 -21.61 4.94 20.78
N ASP B 35 -21.98 3.73 20.37
CA ASP B 35 -21.68 2.53 21.14
C ASP B 35 -21.21 1.43 20.20
N ALA B 36 -20.13 0.75 20.60
CA ALA B 36 -19.58 -0.39 19.86
C ALA B 36 -18.62 -1.14 20.76
N GLU B 37 -18.03 -2.21 20.26
CA GLU B 37 -17.02 -2.92 21.04
C GLU B 37 -15.73 -2.11 21.09
N LEU B 38 -14.89 -2.35 22.09
CA LEU B 38 -13.67 -1.56 22.23
C LEU B 38 -12.70 -1.70 21.06
N PRO B 39 -12.26 -2.93 20.74
CA PRO B 39 -11.29 -3.02 19.65
C PRO B 39 -11.83 -2.24 18.48
N PHE B 40 -11.09 -1.26 17.97
CA PHE B 40 -11.68 -0.42 16.94
C PHE B 40 -10.59 0.39 16.28
N CYS B 41 -10.60 0.42 14.95
CA CYS B 41 -9.69 1.27 14.17
C CYS B 41 -10.52 2.22 13.33
N GLU B 42 -10.07 3.46 13.21
CA GLU B 42 -10.73 4.47 12.40
C GLU B 42 -9.77 4.98 11.34
N VAL B 43 -10.25 5.08 10.10
CA VAL B 43 -9.43 5.44 8.95
C VAL B 43 -9.79 6.84 8.50
N THR B 44 -8.81 7.57 7.98
CA THR B 44 -9.01 8.92 7.51
C THR B 44 -7.91 9.26 6.50
N ARG B 45 -8.17 10.24 5.65
CA ARG B 45 -7.18 10.77 4.73
C ARG B 45 -6.95 12.26 5.04
N ILE B 46 -5.69 12.67 5.01
CA ILE B 46 -5.34 14.03 5.40
C ILE B 46 -4.79 14.80 4.21
N ASP B 47 -4.09 14.10 3.31
CA ASP B 47 -3.44 14.78 2.21
C ASP B 47 -3.14 13.81 1.07
N GLY B 48 -2.91 14.35 -0.11
CA GLY B 48 -2.57 13.53 -1.27
C GLY B 48 -2.34 14.42 -2.47
N ALA B 49 -2.03 13.76 -3.59
CA ALA B 49 -1.83 14.45 -4.85
C ALA B 49 -1.97 13.44 -5.98
N ASP B 50 -2.65 13.84 -7.05
CA ASP B 50 -2.90 12.97 -8.19
C ASP B 50 -2.33 13.58 -9.46
N ASP B 51 -1.67 12.76 -10.26
CA ASP B 51 -1.08 13.21 -11.52
C ASP B 51 -1.60 12.35 -12.65
N PRO B 52 -2.54 12.83 -13.46
CA PRO B 52 -3.08 11.99 -14.54
C PRO B 52 -2.05 11.56 -15.56
N GLU B 53 -1.07 12.42 -15.87
CA GLU B 53 -0.15 12.12 -16.95
C GLU B 53 0.76 10.94 -16.60
N ALA B 54 1.27 10.90 -15.37
CA ALA B 54 2.22 9.88 -14.96
C ALA B 54 1.55 8.71 -14.24
N GLY B 55 0.27 8.81 -13.92
CA GLY B 55 -0.41 7.75 -13.19
C GLY B 55 0.13 7.57 -11.78
N THR B 56 0.31 8.67 -11.05
CA THR B 56 0.92 8.64 -9.74
C THR B 56 -0.01 9.25 -8.70
N ASP B 57 -0.12 8.56 -7.56
CA ASP B 57 -1.00 8.97 -6.47
C ASP B 57 -0.31 8.68 -5.15
N ASP B 58 -0.28 9.67 -4.26
CA ASP B 58 0.44 9.58 -2.98
C ASP B 58 -0.48 9.98 -1.84
N PRO B 59 -1.37 9.09 -1.41
CA PRO B 59 -2.27 9.41 -0.31
C PRO B 59 -1.62 9.22 1.05
N VAL B 60 -2.18 9.92 2.04
CA VAL B 60 -1.74 9.83 3.43
C VAL B 60 -2.92 9.36 4.27
N ILE B 61 -2.70 8.31 5.06
CA ILE B 61 -3.77 7.64 5.80
C ILE B 61 -3.45 7.66 7.28
N GLN B 62 -4.50 7.87 8.08
CA GLN B 62 -4.39 7.92 9.53
C GLN B 62 -5.23 6.81 10.15
N LEU B 63 -4.67 6.13 11.14
CA LEU B 63 -5.37 5.08 11.87
C LEU B 63 -5.45 5.46 13.34
N ASP B 64 -6.65 5.45 13.89
CA ASP B 64 -6.89 5.73 15.30
C ASP B 64 -7.39 4.45 15.97
N PHE B 65 -6.79 4.10 17.10
CA PHE B 65 -7.15 2.90 17.84
C PHE B 65 -7.78 3.28 19.16
N TYR B 66 -8.97 2.72 19.43
CA TYR B 66 -9.68 2.94 20.68
C TYR B 66 -9.83 1.62 21.41
N ALA B 67 -9.53 1.62 22.70
CA ALA B 67 -9.71 0.44 23.52
C ALA B 67 -9.81 0.86 24.98
N LEU B 68 -10.35 -0.04 25.80
CA LEU B 68 -10.54 0.25 27.21
C LEU B 68 -9.24 -0.01 27.97
N GLY B 69 -8.72 1.02 28.61
CA GLY B 69 -7.47 0.88 29.35
C GLY B 69 -6.26 1.08 28.47
N ALA B 70 -5.14 1.46 29.11
CA ALA B 70 -3.91 1.69 28.38
C ALA B 70 -3.36 0.40 27.77
N GLU B 71 -3.43 -0.69 28.55
CA GLU B 71 -2.86 -1.96 28.11
C GLU B 71 -3.52 -2.46 26.83
N ALA B 72 -4.85 -2.50 26.81
CA ALA B 72 -5.56 -2.99 25.64
C ALA B 72 -5.33 -2.09 24.44
N ALA B 73 -5.30 -0.78 24.66
CA ALA B 73 -5.06 0.15 23.57
C ALA B 73 -3.68 -0.06 22.96
N LYS B 74 -2.66 -0.23 23.80
CA LYS B 74 -1.31 -0.45 23.30
C LYS B 74 -1.22 -1.78 22.55
N ALA B 75 -1.87 -2.82 23.07
CA ALA B 75 -1.87 -4.10 22.38
C ALA B 75 -2.54 -4.01 21.01
N ALA B 76 -3.67 -3.31 20.95
CA ALA B 76 -4.35 -3.13 19.67
C ALA B 76 -3.50 -2.34 18.69
N ALA B 77 -2.81 -1.30 19.19
CA ALA B 77 -1.94 -0.51 18.33
C ALA B 77 -0.80 -1.36 17.79
N LYS B 78 -0.21 -2.21 18.64
CA LYS B 78 0.86 -3.09 18.18
C LYS B 78 0.36 -4.05 17.12
N GLN B 79 -0.82 -4.64 17.34
CA GLN B 79 -1.37 -5.56 16.36
C GLN B 79 -1.65 -4.86 15.03
N GLY B 80 -2.22 -3.65 15.08
CA GLY B 80 -2.47 -2.92 13.86
C GLY B 80 -1.20 -2.56 13.11
N HIS B 81 -0.17 -2.15 13.84
CA HIS B 81 1.10 -1.83 13.20
C HIS B 81 1.72 -3.06 12.54
N ARG B 82 1.63 -4.21 13.23
CA ARG B 82 2.15 -5.44 12.62
C ARG B 82 1.38 -5.81 11.36
N ARG B 83 0.06 -5.64 11.37
CA ARG B 83 -0.73 -5.93 10.19
C ARG B 83 -0.34 -5.01 9.03
N MET B 84 -0.16 -3.71 9.33
CA MET B 84 0.27 -2.78 8.30
C MET B 84 1.64 -3.13 7.76
N LEU B 85 2.56 -3.56 8.63
CA LEU B 85 3.88 -3.96 8.16
C LEU B 85 3.81 -5.17 7.25
N PHE B 86 2.96 -6.14 7.60
CA PHE B 86 2.75 -7.30 6.73
C PHE B 86 2.24 -6.86 5.37
N LEU B 87 1.28 -5.93 5.35
CA LEU B 87 0.76 -5.41 4.09
C LEU B 87 1.85 -4.74 3.27
N PHE B 88 2.68 -3.92 3.94
CA PHE B 88 3.74 -3.22 3.24
C PHE B 88 4.75 -4.19 2.65
N ARG B 89 5.03 -5.29 3.35
CA ARG B 89 6.11 -6.17 2.92
C ARG B 89 5.65 -7.13 1.83
N ASN B 90 4.55 -7.85 2.05
CA ASN B 90 4.22 -8.95 1.16
C ASN B 90 3.39 -8.56 -0.06
N PHE B 91 2.91 -7.33 -0.12
CA PHE B 91 2.09 -6.85 -1.23
C PHE B 91 0.95 -7.81 -1.59
N PRO B 92 0.00 -8.03 -0.69
CA PRO B 92 -1.11 -8.92 -1.00
C PRO B 92 -2.21 -8.22 -1.78
N THR B 93 -3.09 -9.03 -2.35
CA THR B 93 -4.24 -8.52 -3.09
C THR B 93 -5.44 -8.40 -2.16
N VAL B 94 -6.12 -7.26 -2.24
CA VAL B 94 -7.24 -6.95 -1.37
C VAL B 94 -8.49 -6.77 -2.20
N THR B 95 -9.58 -7.43 -1.80
CA THR B 95 -10.86 -7.33 -2.48
C THR B 95 -11.71 -6.29 -1.78
N LEU B 96 -12.16 -5.28 -2.54
CA LEU B 96 -12.93 -4.18 -1.98
C LEU B 96 -14.37 -4.61 -1.76
N SER B 97 -15.20 -3.67 -1.27
CA SER B 97 -16.62 -3.92 -1.15
C SER B 97 -17.26 -4.11 -2.51
N ASP B 98 -16.80 -3.35 -3.51
CA ASP B 98 -17.32 -3.46 -4.87
C ASP B 98 -16.89 -4.74 -5.57
N GLY B 99 -15.96 -5.50 -4.99
CA GLY B 99 -15.46 -6.70 -5.61
C GLY B 99 -14.22 -6.52 -6.47
N THR B 100 -13.80 -5.28 -6.71
CA THR B 100 -12.62 -5.03 -7.51
C THR B 100 -11.35 -5.45 -6.76
N LEU B 101 -10.33 -5.79 -7.52
CA LEU B 101 -9.03 -6.14 -6.97
C LEU B 101 -8.09 -4.94 -7.09
N ALA B 102 -7.42 -4.61 -5.98
CA ALA B 102 -6.54 -3.46 -5.93
C ALA B 102 -5.24 -3.84 -5.23
N ASP B 103 -4.17 -3.13 -5.57
CA ASP B 103 -2.85 -3.42 -5.04
C ASP B 103 -2.15 -2.10 -4.70
N LEU B 104 -0.96 -2.22 -4.12
CA LEU B 104 -0.16 -1.07 -3.72
C LEU B 104 1.12 -1.00 -4.54
N ASP B 105 1.77 0.16 -4.51
CA ASP B 105 3.10 0.31 -5.10
C ASP B 105 4.20 0.29 -4.06
N PHE B 106 3.97 0.89 -2.90
CA PHE B 106 4.92 0.87 -1.80
C PHE B 106 4.20 1.31 -0.54
N GLY B 107 4.98 1.52 0.52
CA GLY B 107 4.42 1.98 1.78
C GLY B 107 5.52 2.45 2.70
N GLU B 108 5.15 3.33 3.63
CA GLU B 108 6.13 3.91 4.53
C GLU B 108 5.42 4.40 5.79
N THR B 109 6.07 4.23 6.92
CA THR B 109 5.52 4.61 8.21
C THR B 109 6.05 5.99 8.60
N LEU B 110 5.14 6.94 8.82
CA LEU B 110 5.54 8.28 9.19
C LEU B 110 5.58 8.48 10.70
N ILE B 111 4.51 8.11 11.40
CA ILE B 111 4.43 8.25 12.86
C ILE B 111 4.06 6.89 13.44
N LYS B 112 4.94 6.31 14.24
CA LYS B 112 4.63 5.09 14.96
C LYS B 112 3.62 5.42 16.06
N PRO B 113 2.71 4.47 16.38
CA PRO B 113 1.64 4.76 17.35
C PRO B 113 2.07 5.47 18.62
N SER B 114 1.38 6.56 18.96
CA SER B 114 1.60 7.35 20.15
C SER B 114 0.26 7.64 20.81
N ARG B 115 0.31 8.26 21.98
CA ARG B 115 -0.88 8.51 22.79
C ARG B 115 -1.41 9.92 22.54
N MET B 116 -2.72 10.04 22.40
CA MET B 116 -3.39 11.31 22.19
C MET B 116 -4.54 11.45 23.18
N ALA B 117 -4.95 12.69 23.41
CA ALA B 117 -6.03 12.98 24.34
C ALA B 117 -7.38 12.55 23.78
N PHE B 118 -8.30 12.24 24.67
CA PHE B 118 -9.65 11.82 24.29
C PHE B 118 -10.62 12.24 25.39
N GLU B 119 -11.86 12.52 25.00
CA GLU B 119 -12.85 13.00 25.96
C GLU B 119 -13.19 11.94 26.99
N HIS B 120 -13.51 10.73 26.54
CA HIS B 120 -13.81 9.64 27.46
C HIS B 120 -12.60 9.35 28.33
N ASP B 121 -12.84 9.14 29.62
CA ASP B 121 -11.76 8.95 30.58
C ASP B 121 -11.39 7.49 30.78
N GLN B 122 -12.10 6.56 30.15
CA GLN B 122 -11.75 5.14 30.21
C GLN B 122 -11.14 4.63 28.92
N ILE B 123 -11.62 5.10 27.78
CA ILE B 123 -11.08 4.70 26.49
C ILE B 123 -9.79 5.46 26.22
N VAL B 124 -8.75 4.74 25.84
CA VAL B 124 -7.45 5.32 25.51
C VAL B 124 -7.27 5.27 24.00
N ARG B 125 -6.89 6.39 23.41
CA ARG B 125 -6.77 6.53 21.97
C ARG B 125 -5.31 6.57 21.57
N TYR B 126 -4.94 5.73 20.61
CA TYR B 126 -3.61 5.72 20.02
C TYR B 126 -3.72 6.07 18.54
N THR B 127 -2.72 6.80 18.04
CA THR B 127 -2.76 7.33 16.68
C THR B 127 -1.48 6.98 15.93
N ALA B 128 -1.65 6.50 14.71
CA ALA B 128 -0.53 6.20 13.83
C ALA B 128 -0.83 6.77 12.45
N ARG B 129 0.24 7.10 11.73
CA ARG B 129 0.12 7.72 10.42
C ARG B 129 0.97 6.96 9.41
N TYR B 130 0.44 6.80 8.21
CA TYR B 130 1.09 6.01 7.17
C TYR B 130 0.99 6.73 5.84
N GLN B 131 1.90 6.39 4.93
CA GLN B 131 1.91 6.90 3.57
C GLN B 131 1.84 5.73 2.60
N LEU B 132 1.09 5.91 1.51
CA LEU B 132 0.86 4.86 0.53
C LEU B 132 1.26 5.32 -0.86
N GLY B 133 1.39 4.36 -1.76
CA GLY B 133 1.63 4.65 -3.16
C GLY B 133 0.73 3.82 -4.05
N THR B 134 -0.02 4.47 -4.93
CA THR B 134 -1.05 3.81 -5.71
C THR B 134 -0.98 4.28 -7.15
N SER B 135 -1.54 3.48 -8.05
CA SER B 135 -1.58 3.77 -9.47
C SER B 135 -3.02 3.91 -9.93
N TYR B 136 -3.21 4.03 -11.24
CA TYR B 136 -4.52 4.22 -11.86
C TYR B 136 -4.96 2.91 -12.50
N VAL B 137 -6.17 2.48 -12.18
CA VAL B 137 -6.78 1.34 -12.84
C VAL B 137 -7.95 1.82 -13.67
N ALA B 138 -8.33 1.04 -14.67
CA ALA B 138 -9.43 1.43 -15.55
C ALA B 138 -10.75 1.39 -14.79
N VAL B 139 -11.58 2.41 -15.03
CA VAL B 139 -12.91 2.44 -14.41
C VAL B 139 -13.81 1.42 -15.10
N PRO B 140 -14.48 0.52 -14.36
CA PRO B 140 -15.37 -0.47 -14.96
C PRO B 140 -16.76 0.08 -15.22
N LEU C 5 -7.46 15.38 -46.89
CA LEU C 5 -7.70 16.80 -46.69
C LEU C 5 -8.59 17.06 -45.49
N THR C 6 -8.35 16.31 -44.40
CA THR C 6 -9.12 16.44 -43.18
C THR C 6 -8.21 16.31 -41.98
N GLY C 7 -8.33 17.27 -41.05
CA GLY C 7 -7.53 17.24 -39.85
C GLY C 7 -8.36 17.01 -38.60
N THR C 8 -8.06 15.93 -37.88
CA THR C 8 -8.81 15.59 -36.68
C THR C 8 -8.29 16.35 -35.47
N THR C 9 -9.09 16.36 -34.42
CA THR C 9 -8.72 17.01 -33.17
C THR C 9 -7.60 16.23 -32.49
N PRO C 10 -6.79 16.89 -31.67
CA PRO C 10 -5.67 16.19 -31.01
C PRO C 10 -6.11 15.01 -30.15
N ALA C 11 -7.23 15.15 -29.44
CA ALA C 11 -7.70 14.07 -28.57
C ALA C 11 -8.15 12.86 -29.39
N ALA C 12 -8.97 13.10 -30.42
CA ALA C 12 -9.47 12.01 -31.24
C ALA C 12 -8.35 11.36 -32.04
N GLY C 13 -7.42 12.17 -32.55
CA GLY C 13 -6.36 11.66 -33.41
C GLY C 13 -5.41 10.72 -32.70
N GLY C 14 -5.40 10.72 -31.37
CA GLY C 14 -4.51 9.87 -30.62
C GLY C 14 -3.20 10.51 -30.20
N TYR C 15 -3.05 11.83 -30.41
CA TYR C 15 -1.81 12.50 -30.05
C TYR C 15 -1.61 12.61 -28.55
N THR C 16 -2.63 12.29 -27.74
CA THR C 16 -2.51 12.37 -26.30
C THR C 16 -2.87 11.03 -25.67
N THR C 17 -2.33 9.95 -26.20
CA THR C 17 -2.60 8.60 -25.71
C THR C 17 -1.50 8.20 -24.75
N VAL C 18 -1.89 7.81 -23.54
CA VAL C 18 -0.95 7.41 -22.50
C VAL C 18 -1.47 6.14 -21.82
N ASP C 19 -0.56 5.42 -21.16
CA ASP C 19 -0.93 4.22 -20.43
C ASP C 19 0.15 3.94 -19.40
N ASN C 20 -0.20 4.00 -18.12
CA ASN C 20 0.77 3.75 -17.06
C ASN C 20 1.16 2.28 -16.97
N ARG C 21 0.43 1.39 -17.63
CA ARG C 21 0.75 -0.04 -17.55
C ARG C 21 2.11 -0.33 -18.16
N LEU C 22 2.54 0.49 -19.12
CA LEU C 22 3.84 0.27 -19.75
C LEU C 22 5.00 0.81 -18.94
N GLN C 23 4.74 1.48 -17.82
CA GLN C 23 5.81 2.01 -17.00
C GLN C 23 6.67 0.88 -16.43
N GLY C 24 7.97 1.15 -16.33
CA GLY C 24 8.93 0.17 -15.88
C GLY C 24 9.03 0.09 -14.37
N GLY C 25 10.20 -0.30 -13.90
CA GLY C 25 10.43 -0.46 -12.47
C GLY C 25 10.94 0.79 -11.80
N HIS C 26 10.78 1.94 -12.44
CA HIS C 26 11.22 3.19 -11.84
C HIS C 26 10.36 3.61 -10.65
N ARG C 27 9.23 2.93 -10.42
CA ARG C 27 8.43 3.12 -9.21
C ARG C 27 7.92 1.75 -8.78
N THR C 28 8.59 1.14 -7.80
CA THR C 28 8.18 -0.16 -7.28
C THR C 28 8.77 -0.34 -5.90
N GLY C 29 8.26 -1.33 -5.19
CA GLY C 29 8.72 -1.62 -3.84
C GLY C 29 9.41 -2.96 -3.71
N LEU C 30 9.44 -3.73 -4.79
CA LEU C 30 10.07 -5.04 -4.82
C LEU C 30 11.26 -5.01 -5.76
N ILE C 31 12.46 -5.10 -5.19
CA ILE C 31 13.70 -5.18 -5.97
C ILE C 31 14.59 -6.24 -5.33
N ALA C 32 15.47 -6.82 -6.16
CA ALA C 32 16.36 -7.87 -5.71
C ALA C 32 17.44 -8.07 -6.74
N VAL C 33 18.65 -8.41 -6.29
CA VAL C 33 19.78 -8.68 -7.16
C VAL C 33 20.42 -10.00 -6.71
N ALA C 34 20.78 -10.83 -7.67
CA ALA C 34 21.41 -12.11 -7.41
C ALA C 34 22.70 -12.23 -8.21
N PHE C 35 23.67 -12.97 -7.68
CA PHE C 35 24.97 -13.07 -8.31
C PHE C 35 25.58 -14.44 -8.07
N ARG C 36 26.57 -14.77 -8.88
CA ARG C 36 27.33 -16.01 -8.73
C ARG C 36 28.62 -15.86 -9.53
N ASP C 37 29.38 -16.95 -9.62
CA ASP C 37 30.61 -16.95 -10.39
C ASP C 37 30.30 -17.22 -11.87
N ALA C 38 31.29 -17.03 -12.73
CA ALA C 38 31.15 -17.27 -14.16
C ALA C 38 32.22 -18.28 -14.57
N LEU C 39 31.79 -19.46 -15.03
CA LEU C 39 32.69 -20.53 -15.39
C LEU C 39 32.58 -20.92 -16.85
N GLY C 40 32.22 -20.00 -17.73
CA GLY C 40 32.16 -20.29 -19.15
C GLY C 40 30.98 -21.15 -19.55
N THR C 41 31.25 -22.36 -20.04
CA THR C 41 30.19 -23.24 -20.50
C THR C 41 29.24 -23.66 -19.38
N SER C 42 29.77 -23.95 -18.20
CA SER C 42 28.95 -24.40 -17.07
C SER C 42 27.99 -23.33 -16.58
N THR C 43 28.30 -22.05 -16.79
CA THR C 43 27.46 -20.96 -16.32
C THR C 43 26.82 -20.18 -17.47
N ASN C 44 26.66 -20.81 -18.64
CA ASN C 44 26.04 -20.13 -19.77
C ASN C 44 24.59 -19.80 -19.47
N ILE C 45 24.19 -18.57 -19.77
CA ILE C 45 22.84 -18.10 -19.51
C ILE C 45 22.24 -17.47 -20.76
N SER C 46 22.75 -17.86 -21.92
CA SER C 46 22.23 -17.31 -23.17
C SER C 46 20.77 -17.71 -23.34
N PRO C 47 19.92 -16.79 -23.80
CA PRO C 47 18.47 -17.08 -23.81
C PRO C 47 18.04 -17.99 -24.95
N HIS C 48 18.78 -18.06 -26.05
CA HIS C 48 18.32 -18.77 -27.23
C HIS C 48 19.42 -19.68 -27.77
N ASN C 49 19.01 -20.58 -28.66
CA ASN C 49 19.91 -21.49 -29.36
C ASN C 49 20.23 -20.93 -30.74
N ALA C 50 21.01 -21.71 -31.51
CA ALA C 50 21.33 -21.30 -32.87
C ALA C 50 20.08 -21.24 -33.74
N ASN C 51 19.20 -22.23 -33.63
CA ASN C 51 17.99 -22.24 -34.43
C ASN C 51 17.02 -21.15 -34.00
N GLY C 52 16.98 -20.84 -32.70
CA GLY C 52 16.06 -19.86 -32.16
C GLY C 52 15.19 -20.37 -31.03
N SER C 53 15.38 -21.62 -30.61
CA SER C 53 14.62 -22.16 -29.49
C SER C 53 15.06 -21.51 -28.19
N VAL C 54 14.15 -21.48 -27.21
CA VAL C 54 14.48 -20.90 -25.92
C VAL C 54 15.49 -21.79 -25.21
N ARG C 55 16.61 -21.18 -24.82
CA ARG C 55 17.66 -21.93 -24.12
C ARG C 55 17.50 -21.82 -22.61
N TRP C 56 17.55 -20.60 -22.09
CA TRP C 56 17.45 -20.36 -20.66
C TRP C 56 16.62 -19.10 -20.42
N SER C 57 15.91 -19.09 -19.29
CA SER C 57 15.08 -17.94 -18.93
C SER C 57 14.80 -17.98 -17.45
N PRO C 58 14.86 -16.85 -16.74
CA PRO C 58 14.51 -16.86 -15.31
C PRO C 58 13.05 -17.14 -15.03
N LEU C 59 12.19 -17.02 -16.03
CA LEU C 59 10.76 -17.28 -15.85
C LEU C 59 10.45 -18.73 -16.14
N ALA C 60 9.59 -19.32 -15.31
CA ALA C 60 9.17 -20.69 -15.51
C ALA C 60 8.21 -20.79 -16.69
N GLN C 61 7.94 -22.03 -17.10
CA GLN C 61 7.03 -22.26 -18.22
C GLN C 61 5.62 -21.77 -17.88
N ASP C 62 5.18 -21.98 -16.64
CA ASP C 62 3.86 -21.56 -16.21
C ASP C 62 3.72 -20.04 -16.21
N GLY C 63 4.82 -19.31 -16.24
CA GLY C 63 4.80 -17.86 -16.14
C GLY C 63 5.22 -17.32 -14.79
N GLN C 64 5.32 -18.18 -13.78
CA GLN C 64 5.81 -17.75 -12.48
C GLN C 64 7.34 -17.73 -12.47
N LEU C 65 7.90 -17.25 -11.37
CA LEU C 65 9.34 -17.30 -11.19
C LEU C 65 9.77 -18.71 -10.77
N ARG C 66 11.05 -19.00 -11.01
CA ARG C 66 11.61 -20.28 -10.60
C ARG C 66 11.92 -20.25 -9.10
N ASP C 67 12.10 -21.43 -8.52
CA ASP C 67 12.35 -21.55 -7.09
C ASP C 67 13.71 -22.19 -6.83
N ASP C 68 14.17 -23.00 -7.78
CA ASP C 68 15.46 -23.65 -7.66
C ASP C 68 16.62 -22.71 -7.93
N LEU C 69 16.37 -21.41 -8.00
CA LEU C 69 17.42 -20.47 -8.42
C LEU C 69 18.46 -20.27 -7.32
N PHE C 70 18.01 -20.21 -6.07
CA PHE C 70 18.90 -19.81 -4.98
C PHE C 70 19.60 -21.02 -4.37
N ALA C 71 20.65 -20.74 -3.60
CA ALA C 71 21.45 -21.77 -2.98
C ALA C 71 21.21 -21.81 -1.47
N HIS C 72 21.07 -20.64 -0.85
CA HIS C 72 20.77 -20.58 0.58
C HIS C 72 19.33 -20.16 0.80
N ARG C 73 18.72 -20.68 1.85
CA ARG C 73 17.38 -20.28 2.24
C ARG C 73 17.35 -19.99 3.74
N LEU C 74 16.42 -19.12 4.13
CA LEU C 74 16.20 -18.77 5.52
C LEU C 74 14.87 -19.35 5.97
N GLU C 75 14.91 -20.19 7.00
CA GLU C 75 13.70 -20.83 7.50
C GLU C 75 13.71 -20.81 9.02
N ASN C 76 12.64 -20.24 9.60
CA ASN C 76 12.48 -20.15 11.05
C ASN C 76 13.68 -19.45 11.69
N GLY C 77 14.18 -18.42 11.02
CA GLY C 77 15.30 -17.67 11.55
C GLY C 77 16.61 -18.42 11.55
N VAL C 78 16.74 -19.47 10.75
CA VAL C 78 17.95 -20.29 10.68
C VAL C 78 18.44 -20.31 9.24
N TRP C 79 19.72 -20.08 9.05
CA TRP C 79 20.35 -20.11 7.72
C TRP C 79 20.78 -21.54 7.44
N VAL C 80 20.03 -22.22 6.57
CA VAL C 80 20.28 -23.61 6.23
C VAL C 80 20.51 -23.71 4.72
N GLU C 81 21.46 -24.55 4.33
CA GLU C 81 21.73 -24.76 2.91
C GLU C 81 20.58 -25.52 2.26
N ASN C 82 20.34 -25.22 0.99
CA ASN C 82 19.27 -25.87 0.26
C ASN C 82 19.68 -27.29 -0.13
N THR C 83 18.81 -28.26 0.16
CA THR C 83 19.05 -29.65 -0.20
C THR C 83 18.53 -30.00 -1.59
N ASN C 84 17.54 -29.29 -2.09
CA ASN C 84 17.01 -29.55 -3.42
C ASN C 84 18.04 -29.13 -4.47
N PRO C 85 17.96 -29.70 -5.68
CA PRO C 85 18.86 -29.27 -6.76
C PRO C 85 18.65 -27.80 -7.08
N ASN C 86 19.75 -27.13 -7.43
CA ASN C 86 19.69 -25.71 -7.72
C ASN C 86 20.89 -25.33 -8.58
N GLU C 87 20.71 -24.25 -9.36
CA GLU C 87 21.83 -23.70 -10.11
C GLU C 87 22.87 -23.11 -9.16
N GLY C 88 22.42 -22.42 -8.12
CA GLY C 88 23.32 -21.79 -7.17
C GLY C 88 23.45 -20.31 -7.40
N TRP C 89 22.70 -19.52 -6.63
CA TRP C 89 22.74 -18.07 -6.73
C TRP C 89 22.62 -17.49 -5.34
N TYR C 90 23.24 -16.34 -5.12
CA TYR C 90 23.19 -15.68 -3.82
C TYR C 90 22.46 -14.36 -3.94
N LEU C 91 21.66 -14.05 -2.92
CA LEU C 91 20.76 -12.90 -2.92
C LEU C 91 21.26 -11.85 -1.95
N ALA C 92 21.34 -10.60 -2.43
CA ALA C 92 21.69 -9.49 -1.56
C ALA C 92 20.49 -9.10 -0.70
N GLY C 93 20.77 -8.42 0.41
CA GLY C 93 19.73 -8.10 1.37
C GLY C 93 19.05 -6.78 1.13
N ALA C 94 18.98 -5.95 2.17
CA ALA C 94 18.27 -4.69 2.10
C ALA C 94 19.10 -3.65 1.35
N PHE C 95 18.43 -2.54 0.99
CA PHE C 95 19.07 -1.44 0.30
C PHE C 95 18.69 -0.14 1.00
N GLY C 96 19.66 0.74 1.21
CA GLY C 96 19.38 2.00 1.86
C GLY C 96 18.43 2.85 1.04
N GLU C 97 17.62 3.64 1.75
CA GLU C 97 16.62 4.46 1.09
C GLU C 97 17.28 5.50 0.19
N GLY C 98 16.73 5.67 -1.01
CA GLY C 98 17.31 6.54 -2.01
C GLY C 98 18.44 5.94 -2.79
N ASN C 99 18.81 4.68 -2.52
CA ASN C 99 19.89 4.00 -3.23
C ASN C 99 19.40 2.62 -3.62
N GLY C 100 19.62 2.26 -4.88
CA GLY C 100 19.22 0.97 -5.38
C GLY C 100 19.95 0.64 -6.67
N PRO C 101 19.64 -0.51 -7.26
CA PRO C 101 20.25 -0.88 -8.54
C PRO C 101 20.07 0.20 -9.59
N SER C 102 21.17 0.83 -10.00
CA SER C 102 21.11 1.91 -10.97
C SER C 102 22.29 1.78 -11.94
N SER C 103 22.07 2.22 -13.17
CA SER C 103 23.08 2.19 -14.21
C SER C 103 23.33 3.59 -14.72
N ARG C 104 24.59 3.92 -14.95
CA ARG C 104 25.01 5.25 -15.39
C ARG C 104 25.92 5.12 -16.60
N PRO C 105 25.34 4.90 -17.79
CA PRO C 105 26.18 4.81 -18.99
C PRO C 105 26.85 6.13 -19.32
N SER C 106 28.00 6.04 -19.96
CA SER C 106 28.75 7.19 -20.43
C SER C 106 29.16 6.96 -21.88
N ILE C 107 28.87 7.94 -22.74
CA ILE C 107 29.06 7.79 -24.17
C ILE C 107 30.01 8.88 -24.66
N ASP C 108 30.92 8.51 -25.56
CA ASP C 108 31.89 9.43 -26.13
C ASP C 108 31.83 9.36 -27.65
N THR C 109 31.90 10.52 -28.30
CA THR C 109 31.80 10.61 -29.75
C THR C 109 32.92 11.50 -30.30
N ASP C 110 33.30 11.22 -31.53
CA ASP C 110 34.28 12.02 -32.27
C ASP C 110 33.63 12.59 -33.52
N ASP C 111 33.81 13.88 -33.74
CA ASP C 111 33.20 14.58 -34.87
C ASP C 111 34.28 14.98 -35.86
N GLN C 112 34.01 14.75 -37.15
CA GLN C 112 34.91 15.15 -38.21
C GLN C 112 34.51 16.54 -38.69
N MET C 113 35.49 17.45 -38.75
CA MET C 113 35.22 18.85 -39.10
C MET C 113 35.91 19.18 -40.42
N ILE C 114 35.15 19.72 -41.36
CA ILE C 114 35.64 20.10 -42.68
C ILE C 114 35.57 21.61 -42.81
N GLU C 115 36.56 22.18 -43.50
CA GLU C 115 36.59 23.63 -43.70
C GLU C 115 35.42 24.10 -44.54
N GLN C 116 34.78 23.19 -45.28
CA GLN C 116 33.70 23.57 -46.18
C GLN C 116 32.47 24.04 -45.41
N SER C 117 32.09 23.31 -44.36
CA SER C 117 30.84 23.56 -43.65
C SER C 117 31.07 23.60 -42.14
N ASN C 118 30.28 24.43 -41.46
CA ASN C 118 30.40 24.56 -40.01
C ASN C 118 29.85 23.33 -39.31
N TRP C 119 28.81 22.72 -39.85
CA TRP C 119 28.20 21.57 -39.20
C TRP C 119 29.15 20.39 -39.24
N PRO C 120 29.16 19.54 -38.21
CA PRO C 120 30.06 18.37 -38.22
C PRO C 120 29.77 17.46 -39.40
N PHE C 121 30.84 16.95 -40.00
CA PHE C 121 30.69 16.15 -41.21
C PHE C 121 30.14 14.77 -40.90
N GLU C 122 30.62 14.16 -39.82
CA GLU C 122 30.14 12.84 -39.40
C GLU C 122 30.61 12.59 -37.97
N SER C 123 29.89 11.71 -37.29
CA SER C 123 30.21 11.35 -35.91
C SER C 123 30.13 9.83 -35.76
N ASP C 124 30.83 9.32 -34.75
CA ASP C 124 30.89 7.88 -34.54
C ASP C 124 31.06 7.65 -33.04
N ILE C 125 30.65 6.47 -32.58
CA ILE C 125 30.76 6.10 -31.18
C ILE C 125 32.16 5.56 -30.90
N THR C 126 32.96 6.32 -30.15
CA THR C 126 34.33 5.90 -29.88
C THR C 126 34.39 4.89 -28.74
N LYS C 127 33.83 5.24 -27.58
CA LYS C 127 33.91 4.41 -26.39
C LYS C 127 32.55 4.36 -25.72
N GLN C 128 32.24 3.20 -25.13
CA GLN C 128 30.96 3.01 -24.46
C GLN C 128 31.15 2.08 -23.27
N ASP C 129 30.36 2.33 -22.22
CA ASP C 129 30.35 1.49 -21.03
C ASP C 129 28.99 1.62 -20.35
N GLU C 130 28.69 0.65 -19.50
CA GLU C 130 27.40 0.62 -18.81
C GLU C 130 27.59 0.01 -17.43
N PRO C 131 28.15 0.76 -16.48
CA PRO C 131 28.35 0.22 -15.13
C PRO C 131 27.12 0.41 -14.26
N PHE C 132 27.01 -0.44 -13.24
CA PHE C 132 25.90 -0.37 -12.30
C PHE C 132 26.42 -0.37 -10.87
N THR C 133 25.52 -0.08 -9.94
CA THR C 133 25.88 0.15 -8.55
C THR C 133 24.70 -0.23 -7.65
N PHE C 134 25.02 -0.83 -6.51
CA PHE C 134 24.01 -1.12 -5.51
C PHE C 134 24.65 -0.99 -4.13
N GLN C 135 23.82 -0.71 -3.12
CA GLN C 135 24.27 -0.56 -1.75
C GLN C 135 23.66 -1.68 -0.91
N ALA C 136 24.51 -2.47 -0.27
CA ALA C 136 24.05 -3.55 0.59
C ALA C 136 24.22 -3.15 2.05
N LEU C 137 23.21 -3.48 2.86
CA LEU C 137 23.27 -3.23 4.29
C LEU C 137 23.76 -4.42 5.08
N GLN C 138 23.45 -5.64 4.64
CA GLN C 138 23.89 -6.86 5.32
C GLN C 138 25.31 -7.18 4.89
N ASN C 139 26.24 -6.34 5.34
CA ASN C 139 27.64 -6.47 4.95
C ASN C 139 28.36 -7.61 5.65
N LEU C 140 27.75 -8.24 6.64
CA LEU C 140 28.37 -9.37 7.32
C LEU C 140 28.02 -10.70 6.68
N TYR C 141 27.26 -10.70 5.60
CA TYR C 141 27.00 -11.92 4.87
C TYR C 141 28.29 -12.42 4.23
N PRO C 142 28.58 -13.72 4.31
CA PRO C 142 29.82 -14.22 3.70
C PRO C 142 29.94 -13.93 2.22
N ALA C 143 28.82 -14.03 1.48
CA ALA C 143 28.85 -13.77 0.05
C ALA C 143 29.25 -12.32 -0.23
N ILE C 144 28.65 -11.38 0.50
CA ILE C 144 28.96 -9.97 0.27
C ILE C 144 30.39 -9.66 0.68
N GLN C 145 30.85 -10.25 1.79
CA GLN C 145 32.22 -10.05 2.22
C GLN C 145 33.21 -10.55 1.17
N ARG C 146 32.95 -11.73 0.59
CA ARG C 146 33.80 -12.23 -0.47
C ARG C 146 33.73 -11.34 -1.70
N LEU C 147 32.55 -10.82 -2.01
CA LEU C 147 32.39 -9.95 -3.16
C LEU C 147 33.20 -8.66 -2.99
N ALA C 148 33.24 -8.12 -1.77
CA ALA C 148 33.92 -6.85 -1.54
C ALA C 148 35.43 -7.03 -1.52
N ASN C 149 35.91 -8.19 -1.07
CA ASN C 149 37.34 -8.43 -0.91
C ASN C 149 37.94 -9.19 -2.08
N ASN C 150 37.20 -9.36 -3.18
CA ASN C 150 37.70 -9.97 -4.40
C ASN C 150 38.19 -11.39 -4.15
N LEU C 151 37.25 -12.25 -3.75
CA LEU C 151 37.54 -13.65 -3.51
C LEU C 151 36.59 -14.54 -4.31
N PRO C 152 37.03 -15.73 -4.72
CA PRO C 152 36.16 -16.59 -5.52
C PRO C 152 35.08 -17.24 -4.64
N LEU C 153 33.85 -17.22 -5.14
CA LEU C 153 32.76 -17.89 -4.42
C LEU C 153 32.82 -19.40 -4.62
N SER C 154 33.32 -19.85 -5.77
CA SER C 154 33.43 -21.26 -6.08
C SER C 154 34.86 -21.61 -6.46
N ASP C 155 35.22 -22.87 -6.29
CA ASP C 155 36.56 -23.35 -6.57
C ASP C 155 36.72 -23.63 -8.06
N ALA C 156 37.87 -24.22 -8.42
CA ALA C 156 38.13 -24.55 -9.81
C ALA C 156 37.15 -25.61 -10.32
N ASN C 157 36.84 -26.59 -9.48
CA ASN C 157 35.93 -27.67 -9.85
C ASN C 157 34.50 -27.16 -9.92
N GLY C 158 34.25 -25.95 -9.40
CA GLY C 158 32.92 -25.38 -9.38
C GLY C 158 32.13 -25.66 -8.12
N ASN C 159 32.68 -26.43 -7.19
CA ASN C 159 31.97 -26.67 -5.94
C ASN C 159 31.87 -25.38 -5.13
N PRO C 160 30.75 -25.15 -4.46
CA PRO C 160 30.59 -23.89 -3.71
C PRO C 160 31.56 -23.80 -2.54
N LEU C 161 31.98 -22.57 -2.25
CA LEU C 161 32.85 -22.29 -1.13
C LEU C 161 32.28 -21.30 -0.13
N VAL C 162 31.14 -20.67 -0.44
CA VAL C 162 30.54 -19.71 0.47
C VAL C 162 30.03 -20.44 1.71
N GLU C 163 30.37 -19.91 2.88
CA GLU C 163 29.97 -20.53 4.14
C GLU C 163 28.64 -19.96 4.61
N LEU C 164 27.97 -20.73 5.46
CA LEU C 164 26.75 -20.26 6.08
C LEU C 164 27.06 -19.14 7.07
N PRO C 165 26.12 -18.23 7.30
CA PRO C 165 26.36 -17.14 8.25
C PRO C 165 26.67 -17.64 9.64
N GLY C 166 27.53 -16.90 10.33
CA GLY C 166 27.91 -17.28 11.68
C GLY C 166 28.69 -18.58 11.77
N GLU C 167 29.38 -18.96 10.70
CA GLU C 167 30.18 -20.18 10.71
C GLU C 167 31.65 -19.86 10.51
N ALA C 168 31.97 -19.10 9.47
CA ALA C 168 33.35 -18.73 9.20
C ALA C 168 33.81 -17.62 10.14
N ASP C 169 35.12 -17.53 10.32
CA ASP C 169 35.72 -16.48 11.13
C ASP C 169 36.06 -15.30 10.23
N GLY C 170 36.84 -14.34 10.75
CA GLY C 170 37.18 -13.14 10.01
C GLY C 170 37.85 -13.40 8.67
N PHE C 171 37.40 -12.71 7.64
CA PHE C 171 37.95 -12.88 6.31
C PHE C 171 39.27 -12.14 6.19
N SER C 172 39.80 -12.09 4.97
CA SER C 172 41.07 -11.41 4.72
C SER C 172 41.12 -10.95 3.27
N GLN C 173 41.84 -9.86 3.04
CA GLN C 173 42.03 -9.32 1.70
C GLN C 173 43.45 -9.62 1.26
N PRO C 174 43.65 -10.42 0.21
CA PRO C 174 45.01 -10.81 -0.18
C PRO C 174 45.81 -9.62 -0.69
N VAL C 175 47.13 -9.72 -0.54
CA VAL C 175 48.02 -8.65 -0.97
C VAL C 175 47.90 -8.44 -2.47
N ASP C 176 47.90 -9.53 -3.24
CA ASP C 176 47.76 -9.48 -4.70
C ASP C 176 46.51 -10.25 -5.09
N ALA C 177 45.66 -9.61 -5.88
CA ALA C 177 44.40 -10.19 -6.32
C ALA C 177 44.37 -10.30 -7.83
N GLU C 178 43.34 -10.96 -8.34
CA GLU C 178 43.15 -11.18 -9.76
C GLU C 178 41.70 -10.92 -10.11
N LYS C 179 41.47 -10.48 -11.35
CA LYS C 179 40.11 -10.22 -11.83
C LYS C 179 39.27 -11.49 -11.76
N ILE C 180 38.06 -11.36 -11.22
CA ILE C 180 37.11 -12.45 -11.10
C ILE C 180 35.84 -12.08 -11.88
N GLY C 181 35.37 -13.01 -12.71
CA GLY C 181 34.16 -12.76 -13.49
C GLY C 181 32.92 -13.16 -12.73
N ARG C 182 31.95 -12.26 -12.72
CA ARG C 182 30.71 -12.53 -12.00
C ARG C 182 29.46 -12.25 -12.82
N GLN C 183 28.37 -12.91 -12.47
CA GLN C 183 27.10 -12.77 -13.16
C GLN C 183 26.13 -12.00 -12.26
N PHE C 184 25.22 -11.24 -12.88
CA PHE C 184 24.29 -10.43 -12.12
C PHE C 184 22.92 -10.42 -12.77
N LEU C 185 21.88 -10.46 -11.96
CA LEU C 185 20.50 -10.32 -12.40
C LEU C 185 19.82 -9.27 -11.55
N LEU C 186 19.24 -8.25 -12.19
CA LEU C 186 18.53 -7.19 -11.49
C LEU C 186 17.03 -7.42 -11.67
N TYR C 187 16.31 -7.47 -10.56
CA TYR C 187 14.89 -7.81 -10.58
C TYR C 187 14.05 -6.58 -10.27
N GLY C 188 13.04 -6.33 -11.10
CA GLY C 188 12.03 -5.35 -10.81
C GLY C 188 10.64 -5.96 -10.91
N ILE C 189 9.95 -6.08 -9.78
CA ILE C 189 8.67 -6.77 -9.71
C ILE C 189 7.59 -5.75 -9.43
N ARG C 190 6.60 -5.65 -10.31
CA ARG C 190 5.48 -4.74 -10.15
C ARG C 190 4.19 -5.50 -10.42
N LYS C 191 3.19 -5.29 -9.57
CA LYS C 191 1.91 -5.99 -9.67
C LYS C 191 0.79 -5.00 -9.85
N LYS C 192 -0.13 -5.31 -10.76
CA LYS C 192 -1.29 -4.46 -10.99
C LYS C 192 -2.52 -5.33 -11.21
N GLU C 193 -3.60 -5.01 -10.49
CA GLU C 193 -4.88 -5.70 -10.59
C GLU C 193 -4.71 -7.20 -10.35
N GLY C 194 -3.89 -7.54 -9.37
CA GLY C 194 -3.64 -8.93 -9.06
C GLY C 194 -2.94 -9.69 -10.17
N ARG C 195 -2.07 -9.01 -10.92
CA ARG C 195 -1.28 -9.64 -11.97
C ARG C 195 0.15 -9.12 -11.89
N TYR C 196 1.10 -10.02 -12.06
CA TYR C 196 2.52 -9.69 -11.91
C TYR C 196 3.11 -9.28 -13.25
N LEU C 197 3.99 -8.28 -13.20
CA LEU C 197 4.80 -7.87 -14.35
C LEU C 197 6.25 -7.93 -13.90
N TYR C 198 7.09 -8.60 -14.70
CA TYR C 198 8.48 -8.83 -14.34
C TYR C 198 9.40 -8.12 -15.32
N GLU C 199 10.44 -7.48 -14.78
CA GLU C 199 11.50 -6.87 -15.59
C GLU C 199 12.83 -7.30 -14.99
N VAL C 200 13.56 -8.15 -15.69
CA VAL C 200 14.82 -8.71 -15.20
C VAL C 200 15.91 -8.42 -16.23
N ASP C 201 17.04 -7.92 -15.76
CA ASP C 201 18.20 -7.66 -16.59
C ASP C 201 19.23 -8.77 -16.41
N ALA C 202 19.99 -9.02 -17.48
CA ALA C 202 20.99 -10.08 -17.47
C ALA C 202 22.35 -9.52 -17.84
N TYR C 203 23.38 -9.95 -17.12
CA TYR C 203 24.76 -9.54 -17.36
C TYR C 203 25.64 -10.79 -17.32
N ASP C 204 26.15 -11.20 -18.47
CA ASP C 204 26.92 -12.43 -18.55
C ASP C 204 28.21 -12.33 -17.74
N LEU C 205 28.89 -11.20 -17.82
CA LEU C 205 30.16 -11.03 -17.14
C LEU C 205 30.23 -9.61 -16.57
N ALA C 206 30.89 -9.49 -15.42
CA ALA C 206 31.04 -8.19 -14.76
C ALA C 206 32.21 -8.26 -13.80
N TYR C 207 33.03 -7.21 -13.79
CA TYR C 207 34.17 -7.12 -12.91
C TYR C 207 33.93 -6.08 -11.83
N LEU C 208 34.76 -6.11 -10.79
CA LEU C 208 34.70 -5.15 -9.70
C LEU C 208 35.40 -3.88 -10.15
N ASN C 209 34.67 -2.77 -10.19
CA ASN C 209 35.26 -1.53 -10.68
C ASN C 209 35.71 -0.58 -9.57
N ASN C 210 34.82 -0.25 -8.66
CA ASN C 210 35.15 0.72 -7.62
C ASN C 210 34.33 0.44 -6.37
N LYS C 211 34.90 0.78 -5.22
CA LYS C 211 34.22 0.69 -3.94
C LYS C 211 33.64 2.04 -3.55
N GLY C 212 33.11 2.12 -2.34
CA GLY C 212 32.52 3.34 -1.83
C GLY C 212 32.94 3.60 -0.40
N GLU C 213 32.75 4.87 0.00
CA GLU C 213 33.09 5.29 1.35
C GLU C 213 32.13 4.66 2.36
N ARG C 214 32.70 4.20 3.47
CA ARG C 214 31.91 3.65 4.57
C ARG C 214 32.47 4.19 5.88
N LYS C 215 31.57 4.47 6.83
CA LYS C 215 31.94 5.12 8.08
C LYS C 215 31.22 4.46 9.24
N PHE C 216 31.93 4.27 10.35
CA PHE C 216 31.35 3.79 11.59
C PHE C 216 30.71 4.95 12.33
N GLY C 217 29.71 4.65 13.15
CA GLY C 217 29.13 5.66 14.00
C GLY C 217 27.66 5.37 14.26
N LYS C 218 27.03 6.34 14.91
CA LYS C 218 25.60 6.23 15.20
C LYS C 218 24.77 6.22 13.92
N ARG C 219 25.14 7.07 12.96
CA ARG C 219 24.42 7.23 11.70
C ARG C 219 25.33 6.94 10.51
N GLY C 220 26.19 5.94 10.65
CA GLY C 220 27.13 5.63 9.59
C GLY C 220 26.44 4.99 8.39
N THR C 221 27.17 4.93 7.29
CA THR C 221 26.68 4.38 6.04
C THR C 221 27.51 3.17 5.63
N ALA C 222 26.91 2.31 4.82
CA ALA C 222 27.58 1.13 4.31
C ALA C 222 28.18 1.43 2.93
N ALA C 223 29.08 0.56 2.50
CA ALA C 223 29.76 0.77 1.23
C ALA C 223 28.82 0.48 0.06
N GLU C 224 29.14 1.08 -1.09
CA GLU C 224 28.35 0.90 -2.32
C GLU C 224 29.29 0.37 -3.40
N LEU C 225 29.05 -0.89 -3.80
CA LEU C 225 29.89 -1.56 -4.77
C LEU C 225 29.54 -1.13 -6.19
N THR C 226 30.51 -1.14 -7.09
CA THR C 226 30.29 -0.77 -8.48
C THR C 226 30.93 -1.80 -9.39
N PHE C 227 30.21 -2.19 -10.44
CA PHE C 227 30.68 -3.21 -11.37
C PHE C 227 30.55 -2.71 -12.81
N LYS C 228 31.41 -3.23 -13.68
CA LYS C 228 31.36 -2.96 -15.10
C LYS C 228 31.31 -4.27 -15.88
N PRO C 229 30.42 -4.38 -16.87
CA PRO C 229 30.36 -5.59 -17.69
C PRO C 229 31.39 -5.58 -18.81
N GLU C 230 31.70 -6.76 -19.35
CA GLU C 230 32.73 -6.88 -20.37
C GLU C 230 32.42 -8.11 -21.23
N PRO C 231 32.57 -8.01 -22.56
CA PRO C 231 32.15 -9.11 -23.44
C PRO C 231 32.95 -10.38 -23.19
N SER C 232 32.24 -11.46 -22.87
CA SER C 232 32.86 -12.74 -22.55
C SER C 232 33.02 -13.63 -23.78
N GLY C 233 31.95 -13.76 -24.57
CA GLY C 233 31.95 -14.60 -25.75
C GLY C 233 31.02 -15.79 -25.68
N TYR C 234 30.32 -15.97 -24.56
CA TYR C 234 29.38 -17.08 -24.38
C TYR C 234 27.94 -16.60 -24.30
N PHE C 235 27.67 -15.37 -24.73
CA PHE C 235 26.36 -14.77 -24.58
C PHE C 235 25.78 -14.53 -25.98
N MET C 236 24.75 -15.30 -26.32
CA MET C 236 24.21 -15.32 -27.68
C MET C 236 22.68 -15.22 -27.60
N ALA C 237 22.08 -14.60 -28.61
CA ALA C 237 20.63 -14.45 -28.62
C ALA C 237 20.13 -14.12 -30.02
N MET C 238 18.82 -14.33 -30.22
CA MET C 238 18.11 -13.95 -31.44
C MET C 238 17.87 -12.44 -31.46
N VAL C 239 18.87 -11.72 -31.95
CA VAL C 239 18.69 -10.30 -32.23
C VAL C 239 18.21 -10.17 -33.66
N ASP C 240 16.91 -9.92 -33.83
CA ASP C 240 16.28 -9.80 -35.15
C ASP C 240 16.51 -11.07 -35.98
N GLY C 241 16.47 -12.21 -35.30
CA GLY C 241 16.70 -13.48 -35.97
C GLY C 241 18.08 -13.61 -36.57
N GLU C 242 19.11 -13.25 -35.81
CA GLU C 242 20.49 -13.27 -36.33
C GLU C 242 21.43 -13.55 -35.16
N TYR C 243 22.00 -14.75 -35.16
CA TYR C 243 22.93 -15.17 -34.12
C TYR C 243 24.15 -14.27 -34.12
N LYS C 244 24.29 -13.47 -33.07
CA LYS C 244 25.42 -12.57 -32.93
C LYS C 244 25.61 -12.17 -31.48
N PRO C 245 26.83 -11.83 -31.04
CA PRO C 245 27.07 -11.57 -29.63
C PRO C 245 26.45 -10.27 -29.15
N ILE C 246 26.11 -10.25 -27.86
CA ILE C 246 25.54 -9.10 -27.19
C ILE C 246 26.19 -8.97 -25.81
N ILE C 247 25.79 -7.94 -25.07
CA ILE C 247 26.40 -7.63 -23.80
C ILE C 247 25.37 -7.64 -22.67
N LYS C 248 24.11 -7.43 -23.02
CA LYS C 248 23.04 -7.36 -22.03
C LYS C 248 21.72 -7.74 -22.67
N HIS C 249 20.91 -8.50 -21.95
CA HIS C 249 19.59 -8.90 -22.40
C HIS C 249 18.59 -8.67 -21.27
N THR C 250 17.36 -8.29 -21.64
CA THR C 250 16.31 -7.99 -20.68
C THR C 250 15.15 -8.97 -20.89
N PHE C 251 14.67 -9.57 -19.81
CA PHE C 251 13.53 -10.47 -19.88
C PHE C 251 12.26 -9.75 -19.45
N ILE C 252 11.22 -9.84 -20.28
CA ILE C 252 9.92 -9.27 -19.99
C ILE C 252 8.88 -10.37 -20.12
N GLY C 253 7.99 -10.44 -19.15
CA GLY C 253 6.95 -11.46 -19.17
C GLY C 253 6.07 -11.34 -17.94
N GLY C 254 5.12 -12.26 -17.87
CA GLY C 254 4.17 -12.29 -16.78
C GLY C 254 2.74 -12.25 -17.28
N PRO C 255 1.80 -12.67 -16.44
CA PRO C 255 0.38 -12.62 -16.85
C PRO C 255 -0.09 -11.21 -17.16
N ALA C 256 0.41 -10.21 -16.43
CA ALA C 256 0.03 -8.82 -16.70
C ALA C 256 0.50 -8.38 -18.07
N TRP C 257 1.73 -8.74 -18.44
CA TRP C 257 2.28 -8.33 -19.72
C TRP C 257 1.49 -8.94 -20.88
N ASP C 258 1.13 -10.21 -20.77
CA ASP C 258 0.42 -10.88 -21.85
C ASP C 258 -0.98 -10.33 -22.05
N ALA C 259 -1.57 -9.74 -21.00
CA ALA C 259 -2.92 -9.21 -21.09
C ALA C 259 -3.00 -7.88 -21.82
N LEU C 260 -1.86 -7.29 -22.19
CA LEU C 260 -1.88 -6.00 -22.86
C LEU C 260 -2.57 -6.08 -24.22
N ALA C 261 -2.30 -7.14 -24.98
CA ALA C 261 -2.88 -7.31 -26.30
C ALA C 261 -4.32 -7.79 -26.20
#